data_1TVX
#
_entry.id   1TVX
#
_cell.length_a   43.810
_cell.length_b   76.760
_cell.length_c   43.780
_cell.angle_alpha   90.00
_cell.angle_beta   96.95
_cell.angle_gamma   90.00
#
_symmetry.space_group_name_H-M   'P 1 21 1'
#
loop_
_entity.id
_entity.type
_entity.pdbx_description
1 polymer 'NEUTROPHIL ACTIVATING PEPTIDE 2 VARIANT'
2 water water
#
_entity_poly.entity_id   1
_entity_poly.type   'polypeptide(L)'
_entity_poly.pdbx_seq_one_letter_code
;DSDLYAELRCLCIKTTSGIHPKNIQSLEVIGKGTHCNQVEVIATLKDGRKICLDPDAPRIKKIVQKKLAGDESAD
;
_entity_poly.pdbx_strand_id   A,B,C,D
#
# COMPACT_ATOMS: atom_id res chain seq x y z
N LEU A 8 6.60 -15.33 -5.34
CA LEU A 8 6.49 -15.11 -3.86
C LEU A 8 7.67 -14.27 -3.37
N ARG A 9 8.85 -14.59 -3.89
CA ARG A 9 10.14 -13.98 -3.53
C ARG A 9 10.37 -12.45 -3.54
N CYS A 10 11.64 -12.03 -3.59
CA CYS A 10 11.98 -10.60 -3.56
C CYS A 10 11.43 -9.83 -4.73
N LEU A 11 10.83 -8.67 -4.46
CA LEU A 11 10.28 -7.83 -5.52
C LEU A 11 11.33 -6.86 -6.05
N CYS A 12 12.13 -6.34 -5.12
CA CYS A 12 13.17 -5.35 -5.38
C CYS A 12 14.51 -5.94 -5.73
N ILE A 13 14.82 -5.97 -7.01
CA ILE A 13 16.13 -6.48 -7.44
C ILE A 13 17.08 -5.32 -7.76
N LYS A 14 16.47 -4.19 -8.13
CA LYS A 14 17.18 -2.96 -8.42
C LYS A 14 16.69 -1.92 -7.39
N THR A 15 17.61 -1.24 -6.71
CA THR A 15 17.22 -0.23 -5.73
C THR A 15 17.95 1.04 -6.06
N THR A 16 17.52 2.16 -5.51
CA THR A 16 18.14 3.45 -5.71
C THR A 16 18.37 4.14 -4.37
N SER A 17 19.25 5.14 -4.38
CA SER A 17 19.53 5.89 -3.17
C SER A 17 19.57 7.42 -3.41
N GLY A 18 19.25 7.88 -4.63
CA GLY A 18 19.32 9.32 -4.89
C GLY A 18 18.03 10.11 -5.13
N ILE A 19 16.89 9.57 -4.68
CA ILE A 19 15.56 10.22 -4.81
C ILE A 19 15.41 11.37 -3.82
N HIS A 20 14.75 12.46 -4.22
CA HIS A 20 14.56 13.58 -3.29
C HIS A 20 13.29 13.32 -2.49
N PRO A 21 13.31 13.59 -1.17
CA PRO A 21 12.10 13.34 -0.38
C PRO A 21 10.82 14.08 -0.75
N LYS A 22 10.93 15.23 -1.42
CA LYS A 22 9.73 15.98 -1.82
C LYS A 22 8.80 15.13 -2.68
N ASN A 23 9.37 14.18 -3.41
CA ASN A 23 8.59 13.34 -4.32
C ASN A 23 7.94 12.10 -3.71
N ILE A 24 8.35 11.73 -2.49
CA ILE A 24 7.83 10.52 -1.85
C ILE A 24 6.58 10.86 -1.09
N GLN A 25 5.53 10.10 -1.32
CA GLN A 25 4.30 10.29 -0.61
C GLN A 25 4.26 9.29 0.57
N SER A 26 4.68 8.07 0.33
CA SER A 26 4.64 7.06 1.38
C SER A 26 5.69 5.98 1.13
N LEU A 27 6.02 5.24 2.19
CA LEU A 27 7.03 4.15 2.15
C LEU A 27 6.49 2.91 2.85
N GLU A 28 6.92 1.76 2.37
CA GLU A 28 6.53 0.50 2.98
C GLU A 28 7.84 -0.20 3.22
N VAL A 29 8.02 -0.72 4.43
CA VAL A 29 9.26 -1.42 4.82
C VAL A 29 8.88 -2.85 5.19
N ILE A 30 9.44 -3.83 4.49
CA ILE A 30 9.13 -5.23 4.70
C ILE A 30 10.40 -6.00 5.10
N GLY A 31 10.37 -6.72 6.21
CA GLY A 31 11.55 -7.44 6.64
C GLY A 31 11.81 -8.67 5.82
N LYS A 32 12.94 -9.31 6.08
CA LYS A 32 13.36 -10.52 5.36
C LYS A 32 12.47 -11.71 5.68
N GLY A 33 12.28 -12.57 4.69
CA GLY A 33 11.47 -13.76 4.88
C GLY A 33 12.09 -14.97 4.20
N THR A 34 11.39 -16.10 4.34
CA THR A 34 11.80 -17.40 3.78
C THR A 34 12.23 -17.35 2.31
N HIS A 35 11.48 -16.58 1.50
CA HIS A 35 11.78 -16.45 0.07
C HIS A 35 12.34 -15.07 -0.34
N CYS A 36 12.84 -14.31 0.64
CA CYS A 36 13.47 -13.03 0.40
C CYS A 36 14.36 -12.66 1.59
N ASN A 37 15.67 -12.80 1.39
CA ASN A 37 16.64 -12.53 2.46
C ASN A 37 17.13 -11.10 2.58
N GLN A 38 16.29 -10.15 2.20
CA GLN A 38 16.68 -8.77 2.29
C GLN A 38 15.47 -7.93 2.68
N VAL A 39 15.73 -6.84 3.38
CA VAL A 39 14.70 -5.91 3.77
C VAL A 39 14.37 -5.18 2.48
N GLU A 40 13.09 -4.95 2.25
CA GLU A 40 12.65 -4.26 1.04
C GLU A 40 11.97 -2.98 1.46
N VAL A 41 12.31 -1.91 0.76
CA VAL A 41 11.77 -0.59 1.03
C VAL A 41 11.16 -0.09 -0.31
N ILE A 42 9.82 0.02 -0.36
CA ILE A 42 9.13 0.47 -1.57
C ILE A 42 8.53 1.84 -1.29
N ALA A 43 8.92 2.81 -2.09
CA ALA A 43 8.40 4.14 -1.92
C ALA A 43 7.36 4.34 -2.99
N THR A 44 6.29 5.03 -2.65
CA THR A 44 5.26 5.37 -3.62
C THR A 44 5.42 6.88 -3.84
N LEU A 45 5.58 7.28 -5.09
CA LEU A 45 5.75 8.68 -5.43
C LEU A 45 4.43 9.42 -5.48
N LYS A 46 4.51 10.74 -5.49
CA LYS A 46 3.30 11.51 -5.52
C LYS A 46 2.55 11.29 -6.81
N ASP A 47 3.25 10.83 -7.85
CA ASP A 47 2.55 10.55 -9.08
C ASP A 47 2.06 9.09 -9.19
N GLY A 48 2.08 8.33 -8.08
CA GLY A 48 1.61 6.94 -8.10
C GLY A 48 2.63 5.88 -8.50
N ARG A 49 3.73 6.29 -9.12
CA ARG A 49 4.78 5.37 -9.56
C ARG A 49 5.46 4.76 -8.31
N LYS A 50 6.02 3.57 -8.39
CA LYS A 50 6.67 2.96 -7.23
C LYS A 50 8.14 2.64 -7.44
N ILE A 51 8.95 2.77 -6.39
CA ILE A 51 10.39 2.44 -6.50
C ILE A 51 10.97 1.86 -5.28
N CYS A 52 11.95 1.00 -5.47
CA CYS A 52 12.67 0.38 -4.37
C CYS A 52 13.87 1.25 -3.95
N LEU A 53 14.01 1.42 -2.64
CA LEU A 53 15.10 2.20 -2.06
C LEU A 53 16.06 1.29 -1.33
N ASP A 54 17.35 1.59 -1.41
CA ASP A 54 18.42 0.80 -0.75
C ASP A 54 18.32 1.03 0.78
N PRO A 55 17.92 0.00 1.54
CA PRO A 55 17.80 0.15 3.00
C PRO A 55 19.10 0.42 3.78
N ASP A 56 20.23 0.03 3.23
CA ASP A 56 21.51 0.22 3.90
C ASP A 56 22.23 1.54 3.60
N ALA A 57 21.76 2.30 2.61
CA ALA A 57 22.45 3.54 2.30
C ALA A 57 22.11 4.64 3.30
N PRO A 58 23.13 5.30 3.86
CA PRO A 58 22.85 6.37 4.81
C PRO A 58 21.87 7.45 4.28
N ARG A 59 21.95 7.80 2.98
CA ARG A 59 21.04 8.79 2.40
C ARG A 59 19.59 8.34 2.64
N ILE A 60 19.32 7.06 2.38
CA ILE A 60 17.96 6.49 2.57
C ILE A 60 17.51 6.46 4.04
N LYS A 61 18.40 6.08 4.95
CA LYS A 61 18.06 6.08 6.36
C LYS A 61 17.64 7.50 6.79
N LYS A 62 18.32 8.51 6.24
CA LYS A 62 17.95 9.87 6.62
C LYS A 62 16.64 10.29 5.94
N ILE A 63 16.39 9.89 4.69
CA ILE A 63 15.15 10.26 4.04
C ILE A 63 13.97 9.66 4.84
N VAL A 64 14.14 8.44 5.33
CA VAL A 64 13.07 7.82 6.13
C VAL A 64 12.79 8.62 7.41
N GLN A 65 13.83 9.02 8.13
CA GLN A 65 13.63 9.79 9.35
C GLN A 65 12.92 11.11 9.11
N LYS A 66 13.21 11.76 7.97
CA LYS A 66 12.60 13.03 7.64
C LYS A 66 11.14 12.87 7.26
N LYS A 67 10.84 11.78 6.56
CA LYS A 67 9.46 11.43 6.18
C LYS A 67 8.60 11.25 7.44
N LEU A 68 9.18 10.56 8.42
CA LEU A 68 8.56 10.28 9.71
C LEU A 68 8.34 11.57 10.51
N ALA A 69 9.23 12.54 10.37
CA ALA A 69 9.11 13.78 11.12
C ALA A 69 8.27 14.84 10.45
N GLY A 70 7.81 14.59 9.25
CA GLY A 70 7.02 15.61 8.59
C GLY A 70 7.91 16.49 7.73
N ASP A 71 9.00 15.88 7.23
CA ASP A 71 10.01 16.47 6.34
C ASP A 71 10.00 15.64 5.04
N ASP B 1 -11.19 21.50 2.63
CA ASP B 1 -11.90 21.23 3.91
C ASP B 1 -13.38 21.06 3.63
N SER B 2 -13.70 20.64 2.43
CA SER B 2 -15.08 20.36 2.09
C SER B 2 -14.98 18.98 1.44
N ASP B 3 -15.15 17.95 2.27
CA ASP B 3 -15.06 16.57 1.86
C ASP B 3 -15.82 16.23 0.60
N LEU B 4 -15.22 15.36 -0.22
CA LEU B 4 -15.89 14.84 -1.38
C LEU B 4 -16.70 13.66 -0.78
N TYR B 5 -17.76 13.27 -1.46
CA TYR B 5 -18.58 12.18 -0.94
C TYR B 5 -17.77 10.87 -0.85
N ALA B 6 -17.89 10.18 0.28
CA ALA B 6 -17.19 8.92 0.53
C ALA B 6 -15.64 9.03 0.59
N GLU B 7 -15.15 10.25 0.84
CA GLU B 7 -13.71 10.48 0.94
C GLU B 7 -13.12 9.87 2.21
N LEU B 8 -11.90 9.34 2.06
CA LEU B 8 -11.16 8.74 3.15
C LEU B 8 -9.99 9.67 3.44
N ARG B 9 -9.94 10.22 4.66
CA ARG B 9 -8.86 11.13 5.09
C ARG B 9 -7.90 10.46 6.09
N CYS B 10 -7.65 11.11 7.23
CA CYS B 10 -6.73 10.50 8.22
C CYS B 10 -7.30 9.22 8.78
N LEU B 11 -6.42 8.26 8.97
CA LEU B 11 -6.74 6.92 9.44
C LEU B 11 -6.54 6.71 10.93
N CYS B 12 -5.61 7.47 11.50
CA CYS B 12 -5.18 7.33 12.89
C CYS B 12 -5.23 8.55 13.80
N ILE B 13 -6.28 8.68 14.56
CA ILE B 13 -6.32 9.80 15.48
C ILE B 13 -5.75 9.30 16.84
N LYS B 14 -5.98 8.02 17.18
CA LYS B 14 -5.37 7.42 18.38
C LYS B 14 -4.10 6.64 17.92
N THR B 15 -2.98 6.83 18.63
CA THR B 15 -1.71 6.20 18.27
C THR B 15 -1.00 5.70 19.52
N THR B 16 -0.04 4.80 19.32
CA THR B 16 0.71 4.24 20.43
C THR B 16 2.19 4.08 20.07
N SER B 17 3.04 3.98 21.09
CA SER B 17 4.45 3.72 20.83
C SER B 17 4.82 2.39 21.50
N GLY B 18 3.78 1.72 22.03
CA GLY B 18 3.95 0.45 22.73
C GLY B 18 3.67 -0.82 21.97
N ILE B 19 4.58 -1.18 21.06
CA ILE B 19 4.47 -2.40 20.24
C ILE B 19 5.83 -3.08 20.36
N HIS B 20 5.86 -4.38 20.14
CA HIS B 20 7.13 -5.09 20.13
C HIS B 20 7.45 -5.26 18.66
N PRO B 21 8.67 -4.85 18.25
CA PRO B 21 9.06 -4.97 16.85
C PRO B 21 9.05 -6.40 16.28
N LYS B 22 9.25 -7.43 17.11
CA LYS B 22 9.24 -8.82 16.66
C LYS B 22 7.89 -9.26 16.14
N ASN B 23 6.85 -8.55 16.52
CA ASN B 23 5.50 -8.89 16.07
C ASN B 23 5.10 -8.15 14.78
N ILE B 24 5.96 -7.29 14.25
CA ILE B 24 5.60 -6.50 13.09
C ILE B 24 6.04 -7.18 11.82
N GLN B 25 5.14 -7.36 10.87
CA GLN B 25 5.45 -8.00 9.60
C GLN B 25 5.93 -6.89 8.64
N SER B 26 5.19 -5.79 8.53
CA SER B 26 5.64 -4.67 7.71
C SER B 26 5.16 -3.37 8.34
N LEU B 27 5.70 -2.27 7.82
CA LEU B 27 5.36 -0.94 8.31
C LEU B 27 5.14 -0.02 7.11
N GLU B 28 4.17 0.88 7.21
CA GLU B 28 3.90 1.83 6.14
C GLU B 28 3.94 3.23 6.78
N VAL B 29 4.71 4.14 6.20
CA VAL B 29 4.82 5.53 6.69
C VAL B 29 4.15 6.35 5.58
N ILE B 30 3.07 7.02 5.94
CA ILE B 30 2.32 7.81 4.98
C ILE B 30 2.56 9.26 5.31
N GLY B 31 3.27 9.97 4.42
CA GLY B 31 3.55 11.37 4.71
C GLY B 31 2.33 12.29 4.60
N LYS B 32 2.42 13.52 5.12
CA LYS B 32 1.32 14.48 5.02
C LYS B 32 0.96 14.72 3.57
N GLY B 33 -0.27 15.12 3.32
CA GLY B 33 -0.69 15.39 1.97
C GLY B 33 -2.10 15.93 1.92
N THR B 34 -2.69 16.03 0.72
CA THR B 34 -4.04 16.56 0.53
C THR B 34 -5.11 15.66 1.16
N HIS B 35 -4.74 14.42 1.44
CA HIS B 35 -5.66 13.44 2.01
C HIS B 35 -5.71 13.50 3.53
N CYS B 36 -4.63 14.01 4.13
CA CYS B 36 -4.47 14.06 5.61
C CYS B 36 -3.24 14.89 5.97
N ASN B 37 -3.43 15.86 6.86
CA ASN B 37 -2.34 16.74 7.20
C ASN B 37 -1.49 16.40 8.43
N GLN B 38 -1.17 15.12 8.57
CA GLN B 38 -0.34 14.61 9.64
C GLN B 38 0.25 13.32 9.13
N VAL B 39 1.46 13.02 9.57
CA VAL B 39 2.11 11.79 9.17
C VAL B 39 1.40 10.63 9.94
N GLU B 40 1.21 9.48 9.28
CA GLU B 40 0.59 8.32 9.91
C GLU B 40 1.46 7.10 9.65
N VAL B 41 1.69 6.26 10.68
CA VAL B 41 2.50 5.07 10.57
C VAL B 41 1.56 3.92 10.92
N ILE B 42 1.49 2.89 10.05
CA ILE B 42 0.63 1.73 10.26
C ILE B 42 1.49 0.49 10.28
N ALA B 43 1.44 -0.26 11.38
CA ALA B 43 2.23 -1.47 11.50
C ALA B 43 1.32 -2.66 11.20
N THR B 44 1.67 -3.54 10.26
CA THR B 44 0.85 -4.76 10.01
C THR B 44 1.49 -5.89 10.82
N LEU B 45 0.70 -6.48 11.71
CA LEU B 45 1.16 -7.57 12.55
C LEU B 45 1.23 -8.88 11.78
N LYS B 46 2.04 -9.82 12.27
CA LYS B 46 2.15 -11.12 11.60
C LYS B 46 0.79 -11.80 11.37
N ASP B 47 -0.19 -11.53 12.22
CA ASP B 47 -1.53 -12.11 12.09
C ASP B 47 -2.50 -11.35 11.16
N GLY B 48 -2.05 -10.21 10.63
CA GLY B 48 -2.88 -9.44 9.74
C GLY B 48 -3.47 -8.18 10.34
N ARG B 49 -3.59 -8.13 11.65
CA ARG B 49 -4.12 -6.95 12.32
C ARG B 49 -3.17 -5.75 12.15
N LYS B 50 -3.73 -4.54 12.19
CA LYS B 50 -2.97 -3.31 11.96
C LYS B 50 -3.06 -2.38 13.11
N ILE B 51 -1.97 -1.69 13.41
CA ILE B 51 -2.04 -0.75 14.51
C ILE B 51 -1.38 0.62 14.18
N CYS B 52 -2.02 1.68 14.66
CA CYS B 52 -1.57 3.05 14.46
C CYS B 52 -0.43 3.41 15.43
N LEU B 53 0.74 3.73 14.89
CA LEU B 53 1.89 4.08 15.74
C LEU B 53 2.14 5.61 15.72
N ASP B 54 2.77 6.11 16.79
CA ASP B 54 3.09 7.54 16.96
C ASP B 54 4.38 7.84 16.20
N PRO B 55 4.31 8.62 15.10
CA PRO B 55 5.55 8.92 14.34
C PRO B 55 6.59 9.76 15.12
N ASP B 56 6.11 10.57 16.05
CA ASP B 56 6.98 11.45 16.83
C ASP B 56 7.60 10.80 18.05
N ALA B 57 7.25 9.55 18.33
CA ALA B 57 7.77 8.88 19.50
C ALA B 57 9.20 8.34 19.26
N PRO B 58 10.14 8.72 20.12
CA PRO B 58 11.51 8.24 19.94
C PRO B 58 11.57 6.71 19.76
N ARG B 59 10.81 5.97 20.55
CA ARG B 59 10.83 4.53 20.44
C ARG B 59 10.44 4.05 19.04
N ILE B 60 9.48 4.76 18.43
CA ILE B 60 9.00 4.40 17.08
C ILE B 60 10.06 4.71 16.02
N LYS B 61 10.77 5.82 16.20
CA LYS B 61 11.83 6.15 15.24
C LYS B 61 12.92 5.07 15.31
N LYS B 62 13.23 4.58 16.52
CA LYS B 62 14.26 3.54 16.63
C LYS B 62 13.78 2.21 16.05
N ILE B 63 12.50 1.83 16.30
CA ILE B 63 11.96 0.60 15.70
C ILE B 63 12.11 0.64 14.16
N VAL B 64 11.80 1.80 13.56
CA VAL B 64 11.92 1.96 12.11
C VAL B 64 13.36 1.81 11.62
N GLN B 65 14.33 2.37 12.34
CA GLN B 65 15.74 2.23 11.92
C GLN B 65 16.25 0.80 12.07
N LYS B 66 15.86 0.10 13.14
CA LYS B 66 16.29 -1.29 13.27
C LYS B 66 15.70 -2.14 12.16
N LYS B 67 14.44 -1.90 11.78
CA LYS B 67 13.79 -2.68 10.72
C LYS B 67 14.56 -2.51 9.44
N LEU B 68 14.90 -1.26 9.13
CA LEU B 68 15.67 -0.92 7.93
C LEU B 68 16.96 -1.76 7.91
N ALA B 69 17.57 -1.86 9.09
CA ALA B 69 18.82 -2.57 9.29
C ALA B 69 18.75 -4.07 9.25
N GLY B 70 17.58 -4.65 9.35
CA GLY B 70 17.53 -6.09 9.36
C GLY B 70 17.70 -6.56 10.79
N ASP B 71 17.25 -5.69 11.70
CA ASP B 71 17.24 -5.94 13.14
C ASP B 71 15.78 -6.00 13.59
N LEU C 8 12.29 7.42 -10.89
CA LEU C 8 11.36 6.27 -10.77
C LEU C 8 10.67 6.01 -12.10
N ARG C 9 10.46 4.72 -12.38
CA ARG C 9 9.79 4.28 -13.60
C ARG C 9 9.09 2.92 -13.36
N CYS C 10 9.09 2.02 -14.33
CA CYS C 10 8.38 0.74 -14.15
C CYS C 10 8.97 -0.17 -13.12
N LEU C 11 8.16 -0.52 -12.12
CA LEU C 11 8.61 -1.41 -11.09
C LEU C 11 8.49 -2.89 -11.47
N CYS C 12 7.54 -3.22 -12.32
CA CYS C 12 7.34 -4.61 -12.64
C CYS C 12 7.98 -4.98 -13.94
N ILE C 13 9.12 -5.65 -13.87
CA ILE C 13 9.82 -6.12 -15.07
C ILE C 13 9.46 -7.59 -15.28
N LYS C 14 9.26 -8.31 -14.18
CA LYS C 14 8.85 -9.69 -14.23
C LYS C 14 7.44 -9.76 -13.61
N THR C 15 6.51 -10.43 -14.29
CA THR C 15 5.16 -10.59 -13.76
C THR C 15 4.86 -12.06 -13.80
N THR C 16 3.77 -12.43 -13.17
CA THR C 16 3.34 -13.81 -13.15
C THR C 16 1.82 -13.92 -13.35
N SER C 17 1.38 -15.09 -13.80
CA SER C 17 -0.03 -15.30 -13.99
C SER C 17 -0.55 -16.55 -13.24
N GLY C 18 0.29 -17.20 -12.45
CA GLY C 18 -0.19 -18.39 -11.76
C GLY C 18 -0.12 -18.41 -10.25
N ILE C 19 -0.76 -17.46 -9.57
CA ILE C 19 -0.76 -17.45 -8.11
C ILE C 19 -2.18 -17.79 -7.69
N HIS C 20 -2.36 -18.37 -6.50
CA HIS C 20 -3.73 -18.71 -6.05
C HIS C 20 -4.29 -17.53 -5.27
N PRO C 21 -5.57 -17.18 -5.50
CA PRO C 21 -6.18 -16.05 -4.78
C PRO C 21 -6.22 -16.22 -3.28
N LYS C 22 -6.18 -17.46 -2.82
CA LYS C 22 -6.20 -17.74 -1.39
C LYS C 22 -5.01 -17.04 -0.73
N ASN C 23 -3.91 -16.90 -1.47
CA ASN C 23 -2.69 -16.28 -0.94
C ASN C 23 -2.64 -14.76 -0.93
N ILE C 24 -3.47 -14.11 -1.75
CA ILE C 24 -3.47 -12.64 -1.90
C ILE C 24 -4.28 -11.98 -0.85
N GLN C 25 -3.70 -10.96 -0.24
CA GLN C 25 -4.36 -10.14 0.78
C GLN C 25 -4.94 -8.88 0.11
N SER C 26 -4.15 -8.25 -0.77
CA SER C 26 -4.61 -7.05 -1.42
C SER C 26 -3.91 -6.87 -2.75
N LEU C 27 -4.47 -6.00 -3.60
CA LEU C 27 -3.88 -5.71 -4.91
C LEU C 27 -3.90 -4.22 -5.12
N GLU C 28 -2.94 -3.71 -5.88
CA GLU C 28 -2.91 -2.30 -6.21
C GLU C 28 -2.74 -2.31 -7.70
N VAL C 29 -3.57 -1.54 -8.41
CA VAL C 29 -3.53 -1.44 -9.88
C VAL C 29 -3.14 -0.01 -10.22
N ILE C 30 -2.04 0.15 -10.95
CA ILE C 30 -1.50 1.46 -11.33
C ILE C 30 -1.42 1.58 -12.87
N GLY C 31 -2.02 2.65 -13.41
CA GLY C 31 -2.04 2.82 -14.83
C GLY C 31 -0.73 3.30 -15.39
N LYS C 32 -0.67 3.32 -16.71
CA LYS C 32 0.52 3.78 -17.41
C LYS C 32 0.74 5.26 -17.14
N GLY C 33 2.01 5.66 -17.07
CA GLY C 33 2.32 7.05 -16.83
C GLY C 33 3.45 7.45 -17.75
N THR C 34 3.92 8.69 -17.59
CA THR C 34 5.01 9.21 -18.44
C THR C 34 6.23 8.28 -18.54
N HIS C 35 6.65 7.71 -17.41
CA HIS C 35 7.76 6.78 -17.47
C HIS C 35 7.55 5.37 -16.99
N CYS C 36 6.56 4.74 -17.57
CA CYS C 36 6.20 3.36 -17.36
C CYS C 36 5.01 3.17 -18.27
N ASN C 37 5.26 2.59 -19.44
CA ASN C 37 4.22 2.36 -20.42
C ASN C 37 3.52 1.01 -20.30
N GLN C 38 3.17 0.65 -19.07
CA GLN C 38 2.45 -0.59 -18.85
C GLN C 38 1.67 -0.45 -17.55
N VAL C 39 0.51 -1.11 -17.50
CA VAL C 39 -0.33 -1.11 -16.32
C VAL C 39 0.42 -2.04 -15.35
N GLU C 40 0.54 -1.64 -14.10
CA GLU C 40 1.22 -2.48 -13.13
C GLU C 40 0.23 -2.97 -12.11
N VAL C 41 0.30 -4.25 -11.80
CA VAL C 41 -0.58 -4.85 -10.80
C VAL C 41 0.35 -5.49 -9.71
N ILE C 42 0.33 -4.96 -8.49
CA ILE C 42 1.19 -5.44 -7.40
C ILE C 42 0.31 -6.10 -6.37
N ALA C 43 0.55 -7.39 -6.13
CA ALA C 43 -0.20 -8.16 -5.15
C ALA C 43 0.58 -8.27 -3.86
N THR C 44 -0.08 -8.09 -2.72
CA THR C 44 0.58 -8.28 -1.44
C THR C 44 0.03 -9.58 -0.92
N LEU C 45 0.88 -10.56 -0.66
CA LEU C 45 0.48 -11.87 -0.13
C LEU C 45 0.19 -11.78 1.37
N LYS C 46 -0.37 -12.83 1.95
CA LYS C 46 -0.68 -12.75 3.37
C LYS C 46 0.55 -12.82 4.25
N ASP C 47 1.67 -13.13 3.66
CA ASP C 47 2.91 -13.17 4.40
C ASP C 47 3.71 -11.87 4.21
N GLY C 48 3.10 -10.85 3.61
CA GLY C 48 3.77 -9.58 3.41
C GLY C 48 4.62 -9.41 2.17
N ARG C 49 4.95 -10.49 1.48
CA ARG C 49 5.75 -10.45 0.25
C ARG C 49 4.94 -9.80 -0.84
N LYS C 50 5.60 -9.17 -1.80
CA LYS C 50 4.90 -8.51 -2.89
C LYS C 50 5.26 -9.15 -4.23
N ILE C 51 4.32 -9.22 -5.17
CA ILE C 51 4.62 -9.79 -6.48
C ILE C 51 3.86 -9.09 -7.57
N CYS C 52 4.43 -9.07 -8.75
CA CYS C 52 3.79 -8.43 -9.88
C CYS C 52 2.94 -9.45 -10.67
N LEU C 53 1.70 -9.07 -11.00
CA LEU C 53 0.77 -9.93 -11.78
C LEU C 53 0.60 -9.40 -13.19
N ASP C 54 0.48 -10.30 -14.16
CA ASP C 54 0.31 -9.93 -15.57
C ASP C 54 -1.11 -9.41 -15.75
N PRO C 55 -1.28 -8.10 -16.04
CA PRO C 55 -2.64 -7.57 -16.20
C PRO C 55 -3.45 -8.07 -17.40
N ASP C 56 -2.73 -8.53 -18.41
CA ASP C 56 -3.33 -9.01 -19.65
C ASP C 56 -3.77 -10.47 -19.65
N ALA C 57 -3.36 -11.26 -18.68
CA ALA C 57 -3.72 -12.67 -18.66
C ALA C 57 -5.12 -12.88 -18.14
N PRO C 58 -5.91 -13.73 -18.82
CA PRO C 58 -7.27 -13.99 -18.35
C PRO C 58 -7.29 -14.60 -16.93
N ARG C 59 -6.31 -15.42 -16.55
CA ARG C 59 -6.41 -15.96 -15.20
C ARG C 59 -6.24 -14.88 -14.13
N ILE C 60 -5.55 -13.79 -14.47
CA ILE C 60 -5.35 -12.67 -13.53
C ILE C 60 -6.63 -11.80 -13.52
N LYS C 61 -7.20 -11.55 -14.70
CA LYS C 61 -8.41 -10.75 -14.77
C LYS C 61 -9.49 -11.42 -13.92
N LYS C 62 -9.52 -12.76 -13.93
CA LYS C 62 -10.53 -13.45 -13.14
C LYS C 62 -10.20 -13.43 -11.63
N ILE C 63 -8.93 -13.55 -11.26
CA ILE C 63 -8.54 -13.52 -9.86
C ILE C 63 -8.90 -12.16 -9.25
N VAL C 64 -8.77 -11.10 -10.04
CA VAL C 64 -9.10 -9.77 -9.55
C VAL C 64 -10.59 -9.67 -9.29
N GLN C 65 -11.41 -10.24 -10.19
CA GLN C 65 -12.85 -10.18 -9.98
C GLN C 65 -13.28 -11.02 -8.77
N LYS C 66 -12.61 -12.15 -8.51
CA LYS C 66 -12.94 -12.95 -7.35
C LYS C 66 -12.61 -12.21 -6.08
N LYS C 67 -11.52 -11.46 -6.11
CA LYS C 67 -11.06 -10.65 -4.97
C LYS C 67 -12.07 -9.57 -4.62
N LEU C 68 -12.53 -8.88 -5.65
CA LEU C 68 -13.51 -7.80 -5.53
C LEU C 68 -14.81 -8.34 -4.93
N ALA C 69 -15.17 -9.56 -5.37
CA ALA C 69 -16.37 -10.28 -4.94
C ALA C 69 -16.25 -10.94 -3.54
N GLY C 70 -15.05 -11.09 -3.02
CA GLY C 70 -14.94 -11.70 -1.71
C GLY C 70 -14.82 -13.21 -1.78
N ASP C 71 -14.02 -13.69 -2.72
CA ASP C 71 -13.69 -15.11 -2.91
C ASP C 71 -12.16 -15.21 -2.89
N ASP D 1 -15.75 -8.20 21.40
CA ASP D 1 -15.29 -7.80 20.04
C ASP D 1 -13.75 -7.68 20.03
N SER D 2 -13.23 -7.36 21.20
CA SER D 2 -11.81 -7.18 21.53
C SER D 2 -10.76 -6.61 20.55
N ASP D 3 -10.72 -5.29 20.42
CA ASP D 3 -9.72 -4.68 19.56
C ASP D 3 -8.47 -4.43 20.38
N LEU D 4 -7.32 -4.46 19.73
CA LEU D 4 -6.06 -4.16 20.39
C LEU D 4 -6.03 -2.62 20.51
N TYR D 5 -5.28 -2.08 21.47
CA TYR D 5 -5.20 -0.63 21.64
C TYR D 5 -4.63 0.03 20.39
N ALA D 6 -5.29 1.07 19.92
CA ALA D 6 -4.92 1.81 18.70
C ALA D 6 -5.00 0.97 17.41
N GLU D 7 -5.79 -0.10 17.43
CA GLU D 7 -5.98 -0.93 16.24
C GLU D 7 -6.79 -0.20 15.13
N LEU D 8 -6.42 -0.45 13.89
CA LEU D 8 -7.08 0.10 12.73
C LEU D 8 -7.77 -1.09 12.03
N ARG D 9 -9.09 -1.00 11.89
CA ARG D 9 -9.84 -2.07 11.24
C ARG D 9 -10.43 -1.58 9.88
N CYS D 10 -11.75 -1.66 9.68
CA CYS D 10 -12.32 -1.21 8.40
C CYS D 10 -12.16 0.27 8.19
N LEU D 11 -11.85 0.61 6.96
CA LEU D 11 -11.62 2.00 6.56
C LEU D 11 -12.82 2.68 5.91
N CYS D 12 -13.66 1.91 5.24
CA CYS D 12 -14.78 2.48 4.48
C CYS D 12 -16.15 2.07 4.92
N ILE D 13 -16.80 2.84 5.77
CA ILE D 13 -18.13 2.42 6.11
C ILE D 13 -19.09 3.04 5.07
N LYS D 14 -18.75 4.22 4.56
CA LYS D 14 -19.52 4.84 3.49
C LYS D 14 -18.79 4.54 2.16
N THR D 15 -19.53 4.10 1.13
CA THR D 15 -18.97 3.81 -0.19
C THR D 15 -19.78 4.45 -1.33
N THR D 16 -19.20 4.51 -2.54
CA THR D 16 -19.90 5.07 -3.68
C THR D 16 -19.50 4.35 -4.98
N SER D 17 -20.34 4.49 -6.02
CA SER D 17 -19.97 3.93 -7.33
C SER D 17 -19.96 5.02 -8.40
N GLY D 18 -20.11 6.26 -7.93
CA GLY D 18 -20.17 7.41 -8.81
C GLY D 18 -18.85 8.14 -8.87
N ILE D 19 -17.97 7.62 -9.71
CA ILE D 19 -16.65 8.23 -9.87
C ILE D 19 -16.28 8.12 -11.34
N HIS D 20 -15.54 9.09 -11.85
CA HIS D 20 -15.11 9.02 -13.24
C HIS D 20 -13.75 8.31 -13.29
N PRO D 21 -13.64 7.24 -14.10
CA PRO D 21 -12.37 6.49 -14.21
C PRO D 21 -11.15 7.29 -14.60
N LYS D 22 -11.34 8.33 -15.41
CA LYS D 22 -10.26 9.18 -15.85
C LYS D 22 -9.61 10.00 -14.72
N ASN D 23 -10.29 10.15 -13.60
CA ASN D 23 -9.74 10.92 -12.46
C ASN D 23 -8.96 10.03 -11.48
N ILE D 24 -8.91 8.74 -11.75
CA ILE D 24 -8.28 7.81 -10.86
C ILE D 24 -6.87 7.51 -11.21
N GLN D 25 -5.97 7.73 -10.25
CA GLN D 25 -4.52 7.51 -10.44
C GLN D 25 -4.21 6.02 -10.18
N SER D 26 -4.67 5.50 -9.05
CA SER D 26 -4.46 4.07 -8.79
C SER D 26 -5.61 3.57 -7.93
N LEU D 27 -5.74 2.24 -7.89
CA LEU D 27 -6.80 1.60 -7.14
C LEU D 27 -6.22 0.53 -6.26
N GLU D 28 -6.76 0.41 -5.05
CA GLU D 28 -6.30 -0.61 -4.16
C GLU D 28 -7.52 -1.42 -3.77
N VAL D 29 -7.42 -2.75 -3.84
CA VAL D 29 -8.50 -3.68 -3.47
C VAL D 29 -7.96 -4.44 -2.29
N ILE D 30 -8.61 -4.31 -1.14
CA ILE D 30 -8.13 -4.99 0.06
C ILE D 30 -9.13 -6.09 0.43
N GLY D 31 -8.72 -7.35 0.31
CA GLY D 31 -9.62 -8.45 0.61
C GLY D 31 -9.99 -8.52 2.08
N LYS D 32 -11.00 -9.33 2.42
CA LYS D 32 -11.40 -9.50 3.80
C LYS D 32 -10.29 -10.23 4.57
N GLY D 33 -10.26 -10.01 5.88
CA GLY D 33 -9.27 -10.65 6.72
C GLY D 33 -9.48 -10.35 8.19
N THR D 34 -8.47 -10.61 9.02
CA THR D 34 -8.59 -10.37 10.45
C THR D 34 -8.72 -8.88 10.77
N HIS D 35 -8.21 -8.04 9.90
CA HIS D 35 -8.26 -6.60 10.07
C HIS D 35 -9.63 -6.04 9.80
N CYS D 36 -10.43 -6.72 9.01
CA CYS D 36 -11.76 -6.19 8.58
C CYS D 36 -12.48 -7.26 7.76
N ASN D 37 -13.71 -7.59 8.14
CA ASN D 37 -14.44 -8.65 7.42
C ASN D 37 -15.34 -8.23 6.26
N GLN D 38 -14.82 -7.39 5.38
CA GLN D 38 -15.52 -6.94 4.20
C GLN D 38 -14.47 -6.42 3.25
N VAL D 39 -14.69 -6.62 1.95
CA VAL D 39 -13.75 -6.11 0.97
C VAL D 39 -13.82 -4.59 0.91
N GLU D 40 -12.67 -3.94 0.74
CA GLU D 40 -12.62 -2.48 0.62
C GLU D 40 -11.82 -2.09 -0.59
N VAL D 41 -12.30 -1.08 -1.33
CA VAL D 41 -11.65 -0.60 -2.54
C VAL D 41 -11.42 0.90 -2.34
N ILE D 42 -10.17 1.34 -2.44
CA ILE D 42 -9.84 2.77 -2.24
C ILE D 42 -9.23 3.28 -3.54
N ALA D 43 -9.83 4.34 -4.11
CA ALA D 43 -9.32 4.90 -5.35
C ALA D 43 -8.49 6.13 -4.95
N THR D 44 -7.28 6.28 -5.50
CA THR D 44 -6.47 7.46 -5.19
C THR D 44 -6.58 8.37 -6.41
N LEU D 45 -7.11 9.56 -6.19
CA LEU D 45 -7.29 10.51 -7.28
C LEU D 45 -5.99 11.15 -7.73
N LYS D 46 -5.98 11.69 -8.94
CA LYS D 46 -4.79 12.37 -9.46
C LYS D 46 -4.22 13.46 -8.53
N ASP D 47 -5.06 14.04 -7.69
CA ASP D 47 -4.64 15.08 -6.77
C ASP D 47 -4.24 14.51 -5.41
N GLY D 48 -4.41 13.23 -5.22
CA GLY D 48 -4.00 12.64 -3.97
C GLY D 48 -5.09 12.33 -2.97
N ARG D 49 -6.30 12.84 -3.22
CA ARG D 49 -7.42 12.55 -2.34
C ARG D 49 -7.86 11.11 -2.57
N LYS D 50 -8.47 10.50 -1.56
CA LYS D 50 -8.85 9.09 -1.68
C LYS D 50 -10.33 8.85 -1.46
N ILE D 51 -10.94 7.99 -2.28
CA ILE D 51 -12.33 7.71 -2.03
C ILE D 51 -12.68 6.19 -1.99
N CYS D 52 -13.58 5.87 -1.07
CA CYS D 52 -14.12 4.52 -0.83
C CYS D 52 -15.14 4.12 -1.88
N LEU D 53 -14.81 3.10 -2.67
CA LEU D 53 -15.67 2.59 -3.73
C LEU D 53 -16.41 1.33 -3.29
N ASP D 54 -17.61 1.12 -3.88
CA ASP D 54 -18.45 -0.06 -3.58
C ASP D 54 -17.98 -1.24 -4.47
N PRO D 55 -17.40 -2.30 -3.87
CA PRO D 55 -16.89 -3.47 -4.60
C PRO D 55 -17.95 -4.33 -5.28
N ASP D 56 -19.16 -4.28 -4.74
CA ASP D 56 -20.27 -5.04 -5.30
C ASP D 56 -21.05 -4.32 -6.41
N ALA D 57 -20.69 -3.08 -6.71
CA ALA D 57 -21.38 -2.31 -7.74
C ALA D 57 -20.87 -2.68 -9.13
N PRO D 58 -21.78 -3.05 -10.05
CA PRO D 58 -21.37 -3.43 -11.42
C PRO D 58 -20.47 -2.36 -12.09
N ARG D 59 -20.80 -1.09 -11.89
CA ARG D 59 -20.04 0.01 -12.46
C ARG D 59 -18.56 -0.01 -11.98
N ILE D 60 -18.35 -0.36 -10.71
CA ILE D 60 -17.00 -0.42 -10.10
C ILE D 60 -16.20 -1.61 -10.64
N LYS D 61 -16.87 -2.76 -10.79
CA LYS D 61 -16.21 -3.94 -11.34
C LYS D 61 -15.77 -3.67 -12.78
N LYS D 62 -16.54 -2.89 -13.53
CA LYS D 62 -16.17 -2.62 -14.91
C LYS D 62 -15.07 -1.60 -14.96
N ILE D 63 -15.05 -0.67 -14.02
CA ILE D 63 -13.98 0.32 -13.96
C ILE D 63 -12.65 -0.42 -13.68
N VAL D 64 -12.67 -1.43 -12.79
CA VAL D 64 -11.44 -2.19 -12.49
C VAL D 64 -10.97 -2.92 -13.74
N GLN D 65 -11.91 -3.48 -14.51
CA GLN D 65 -11.50 -4.22 -15.71
C GLN D 65 -10.91 -3.35 -16.83
N LYS D 66 -11.44 -2.14 -17.04
CA LYS D 66 -10.86 -1.27 -18.05
C LYS D 66 -9.47 -0.78 -17.60
N LYS D 67 -9.29 -0.57 -16.29
CA LYS D 67 -7.99 -0.12 -15.72
C LYS D 67 -6.91 -1.20 -15.98
N LEU D 68 -7.26 -2.46 -15.73
CA LEU D 68 -6.36 -3.61 -15.97
C LEU D 68 -5.97 -3.63 -17.44
N ALA D 69 -6.94 -3.29 -18.29
CA ALA D 69 -6.73 -3.32 -19.73
C ALA D 69 -5.99 -2.13 -20.31
N GLY D 70 -5.83 -1.08 -19.54
CA GLY D 70 -5.14 0.06 -20.08
C GLY D 70 -6.11 1.07 -20.69
N ASP D 71 -7.22 1.28 -20.00
CA ASP D 71 -8.24 2.26 -20.39
C ASP D 71 -8.45 3.25 -19.23
#